data_4CPF
#
_entry.id   4CPF
#
_cell.length_a   47.080
_cell.length_b   94.120
_cell.length_c   104.790
_cell.angle_alpha   90.00
_cell.angle_beta   90.00
_cell.angle_gamma   90.00
#
_symmetry.space_group_name_H-M   'I 2 2 2'
#
loop_
_entity.id
_entity.type
_entity.pdbx_description
1 polymer STREPTAVIDIN
2 non-polymer 'methyl 4-(2-{5-[(3aS,4S,6aR)-2-oxo-hexahydro-1H- thieno[3,4-d]imidazolidin-4-yl]pentanehydrazido}-3- [4-(methoxycarbonyl)phenyl]phenyl)benzoate'
3 water water
#
_entity_poly.entity_id   1
_entity_poly.type   'polypeptide(L)'
_entity_poly.pdbx_seq_one_letter_code
;AEAGITGTWYNQLGSTFIVTAGADGALTGTYESAVGNAESRYVLTGRYDSAPATDGSGTALGWTVAWKNNYRNAHSATTW
SGQYVGGAEARINTQWLLTSGTTEANAWKSTLVGHDTFTKVKPSAAS
;
_entity_poly.pdbx_strand_id   A,B
#
loop_
_chem_comp.id
_chem_comp.type
_chem_comp.name
_chem_comp.formula
LH3 non-polymer 'methyl 4-(2-{5-[(3aS,4S,6aR)-2-oxo-hexahydro-1H- thieno[3,4-d]imidazolidin-4-yl]pentanehydrazido}-3- [4-(methoxycarbonyl)phenyl]phenyl)benzoate' 'C32 H34 N4 O6 S'
#
# COMPACT_ATOMS: atom_id res chain seq x y z
N ALA A 3 18.20 -8.38 -0.16
CA ALA A 3 18.43 -9.71 0.41
C ALA A 3 17.73 -9.86 1.75
N GLY A 4 17.75 -8.77 2.52
CA GLY A 4 17.16 -8.72 3.84
C GLY A 4 15.67 -8.92 3.79
N ILE A 5 14.98 -8.09 3.02
CA ILE A 5 13.54 -8.19 2.87
C ILE A 5 13.15 -9.38 2.01
N THR A 6 13.93 -9.65 0.97
CA THR A 6 13.58 -10.69 0.03
C THR A 6 13.53 -12.06 0.71
N GLY A 7 12.44 -12.77 0.49
CA GLY A 7 12.30 -14.10 1.06
C GLY A 7 10.85 -14.45 1.36
N THR A 8 10.67 -15.43 2.24
CA THR A 8 9.37 -15.95 2.62
C THR A 8 9.15 -15.60 4.07
N TRP A 9 7.94 -15.13 4.36
CA TRP A 9 7.56 -14.62 5.67
C TRP A 9 6.22 -15.21 6.06
N TYR A 10 6.01 -15.35 7.36
N TYR A 10 6.01 -15.49 7.34
CA TYR A 10 4.73 -15.77 7.90
CA TYR A 10 4.69 -15.94 7.81
C TYR A 10 4.25 -14.85 8.97
C TYR A 10 4.24 -14.98 8.94
N ASN A 11 2.93 -14.76 9.09
CA ASN A 11 2.40 -13.95 10.15
C ASN A 11 1.72 -14.81 11.18
N GLN A 12 1.20 -14.11 12.16
CA GLN A 12 0.70 -14.77 13.33
C GLN A 12 -0.60 -15.57 13.05
N LEU A 13 -1.25 -15.30 11.92
CA LEU A 13 -2.48 -15.97 11.53
C LEU A 13 -2.17 -17.15 10.62
N GLY A 14 -0.89 -17.36 10.29
CA GLY A 14 -0.53 -18.41 9.37
C GLY A 14 -0.53 -18.03 7.90
N SER A 15 -0.68 -16.74 7.60
CA SER A 15 -0.60 -16.29 6.21
C SER A 15 0.86 -16.31 5.74
N THR A 16 1.02 -16.44 4.40
N THR A 16 1.07 -16.51 4.44
CA THR A 16 2.28 -16.52 3.63
CA THR A 16 2.41 -16.53 3.92
C THR A 16 2.52 -15.35 2.69
C THR A 16 2.52 -15.37 3.00
N PHE A 17 3.67 -14.70 2.91
N PHE A 17 3.71 -14.79 2.96
CA PHE A 17 4.08 -13.49 2.18
CA PHE A 17 4.06 -14.05 1.78
C PHE A 17 5.44 -13.83 1.55
C PHE A 17 5.47 -14.24 1.34
N ILE A 18 5.45 -13.95 0.23
N ILE A 18 5.61 -14.13 0.04
CA ILE A 18 6.67 -14.20 -0.53
CA ILE A 18 6.84 -14.32 -0.67
C ILE A 18 6.98 -12.91 -1.29
C ILE A 18 7.07 -13.03 -1.42
N VAL A 19 8.19 -12.38 -1.13
CA VAL A 19 8.48 -11.05 -1.65
C VAL A 19 9.89 -10.94 -2.18
N THR A 20 10.06 -10.15 -3.23
N THR A 20 10.04 -10.15 -3.25
CA THR A 20 11.37 -9.79 -3.73
CA THR A 20 11.34 -9.77 -3.75
C THR A 20 11.51 -8.27 -3.77
C THR A 20 11.45 -8.24 -3.66
N ALA A 21 12.55 -7.78 -3.10
CA ALA A 21 12.83 -6.36 -3.00
C ALA A 21 13.83 -5.99 -4.07
N GLY A 22 13.46 -5.10 -4.97
CA GLY A 22 14.32 -4.66 -6.07
C GLY A 22 15.17 -3.46 -5.71
N ALA A 23 16.28 -3.28 -6.43
CA ALA A 23 17.18 -2.20 -6.13
C ALA A 23 16.56 -0.81 -6.27
N ASP A 24 15.49 -0.70 -7.05
CA ASP A 24 14.80 0.57 -7.25
C ASP A 24 13.71 0.88 -6.20
N GLY A 25 13.59 0.06 -5.16
CA GLY A 25 12.56 0.28 -4.15
C GLY A 25 11.29 -0.54 -4.34
N ALA A 26 11.26 -1.38 -5.36
CA ALA A 26 10.08 -2.18 -5.64
C ALA A 26 9.95 -3.36 -4.71
N LEU A 27 8.73 -3.68 -4.35
CA LEU A 27 8.35 -4.96 -3.76
C LEU A 27 7.37 -5.64 -4.67
N THR A 28 7.63 -6.90 -4.99
N THR A 28 7.62 -6.92 -4.94
CA THR A 28 6.70 -7.69 -5.77
CA THR A 28 6.77 -7.74 -5.78
C THR A 28 6.64 -9.07 -5.09
C THR A 28 6.71 -9.16 -5.22
N GLY A 29 5.55 -9.78 -5.27
CA GLY A 29 5.44 -11.14 -4.76
C GLY A 29 4.03 -11.64 -4.73
N THR A 30 3.79 -12.59 -3.83
CA THR A 30 2.49 -13.20 -3.66
C THR A 30 2.16 -13.36 -2.20
N TYR A 31 0.87 -13.33 -1.92
CA TYR A 31 0.35 -13.41 -0.55
C TYR A 31 -0.70 -14.49 -0.50
N GLU A 32 -0.67 -15.31 0.53
CA GLU A 32 -1.75 -16.30 0.74
C GLU A 32 -2.36 -16.01 2.11
N SER A 33 -3.65 -15.68 2.14
CA SER A 33 -4.33 -15.37 3.40
C SER A 33 -4.85 -16.58 4.14
N ALA A 34 -4.62 -16.62 5.44
CA ALA A 34 -5.17 -17.66 6.29
C ALA A 34 -6.62 -17.38 6.64
N VAL A 35 -7.10 -16.16 6.39
CA VAL A 35 -8.46 -15.76 6.80
C VAL A 35 -9.23 -15.10 5.68
N GLY A 36 -10.56 -15.09 5.84
CA GLY A 36 -11.44 -14.33 4.97
C GLY A 36 -11.81 -15.02 3.67
N ASN A 37 -12.45 -14.27 2.79
CA ASN A 37 -12.88 -14.79 1.50
C ASN A 37 -11.70 -14.83 0.53
N ALA A 38 -10.85 -15.84 0.69
CA ALA A 38 -9.63 -15.93 -0.10
C ALA A 38 -9.19 -17.38 -0.28
N GLU A 39 -8.56 -17.66 -1.42
CA GLU A 39 -8.00 -18.98 -1.69
C GLU A 39 -6.88 -18.88 -2.72
N SER A 40 -5.85 -19.71 -2.55
N SER A 40 -5.85 -19.72 -2.56
CA SER A 40 -4.66 -19.65 -3.40
CA SER A 40 -4.66 -19.64 -3.39
C SER A 40 -3.89 -18.36 -3.15
C SER A 40 -3.99 -18.28 -3.21
N ARG A 41 -3.04 -17.99 -4.08
CA ARG A 41 -2.14 -16.86 -3.91
C ARG A 41 -2.72 -15.65 -4.57
N TYR A 42 -2.35 -14.48 -4.04
CA TYR A 42 -2.74 -13.23 -4.67
C TYR A 42 -1.49 -12.43 -4.95
N VAL A 43 -1.54 -11.62 -6.01
CA VAL A 43 -0.44 -10.71 -6.34
C VAL A 43 -0.30 -9.63 -5.29
N LEU A 44 0.93 -9.31 -4.94
CA LEU A 44 1.18 -8.09 -4.21
C LEU A 44 2.21 -7.25 -4.85
N THR A 45 2.08 -5.96 -4.59
N THR A 45 2.05 -5.94 -4.67
CA THR A 45 3.04 -4.98 -5.05
CA THR A 45 3.10 -5.00 -5.03
C THR A 45 3.20 -3.91 -3.99
C THR A 45 3.22 -3.95 -3.95
N GLY A 46 4.39 -3.37 -3.84
CA GLY A 46 4.62 -2.30 -2.88
C GLY A 46 5.95 -1.60 -3.10
N ARG A 47 6.35 -0.85 -2.08
CA ARG A 47 7.56 -0.04 -2.14
C ARG A 47 8.25 -0.12 -0.79
N TYR A 48 9.56 0.05 -0.78
CA TYR A 48 10.32 0.13 0.47
C TYR A 48 11.40 1.19 0.32
N ASP A 49 11.90 1.68 1.45
CA ASP A 49 13.03 2.62 1.46
C ASP A 49 14.32 1.85 1.14
N SER A 50 14.84 2.07 -0.06
CA SER A 50 16.02 1.34 -0.52
C SER A 50 17.33 1.94 -0.04
N ALA A 51 17.27 3.02 0.72
CA ALA A 51 18.49 3.60 1.30
C ALA A 51 18.18 4.03 2.73
N PRO A 52 17.89 3.04 3.59
CA PRO A 52 17.42 3.33 4.93
C PRO A 52 18.48 3.97 5.78
N ALA A 53 18.07 4.51 6.92
CA ALA A 53 19.01 5.06 7.85
C ALA A 53 19.91 3.93 8.34
N THR A 54 21.13 4.30 8.71
N THR A 54 21.13 4.28 8.73
CA THR A 54 22.12 3.33 9.17
CA THR A 54 22.10 3.29 9.21
C THR A 54 22.35 3.50 10.66
C THR A 54 22.36 3.50 10.70
N ASP A 55 21.39 4.13 11.33
CA ASP A 55 21.40 4.24 12.76
C ASP A 55 20.65 2.98 13.19
N GLY A 56 20.06 2.97 14.37
CA GLY A 56 19.30 1.80 14.76
C GLY A 56 17.82 1.92 14.48
N SER A 57 17.44 2.25 13.24
N SER A 57 17.40 2.26 13.26
CA SER A 57 16.05 2.37 12.83
CA SER A 57 15.99 2.31 12.95
C SER A 57 15.61 1.23 11.90
C SER A 57 15.57 1.36 11.83
N GLY A 58 14.30 0.99 11.86
CA GLY A 58 13.73 0.11 10.87
C GLY A 58 13.69 0.71 9.48
N THR A 59 13.38 -0.14 8.51
CA THR A 59 13.25 0.26 7.11
C THR A 59 11.77 0.32 6.76
N ALA A 60 11.30 1.50 6.40
CA ALA A 60 9.88 1.69 6.08
C ALA A 60 9.51 0.98 4.79
N LEU A 61 8.30 0.41 4.77
CA LEU A 61 7.79 -0.25 3.59
C LEU A 61 6.28 -0.35 3.64
N GLY A 62 5.68 -0.67 2.50
CA GLY A 62 4.26 -0.94 2.45
C GLY A 62 3.96 -1.79 1.22
N TRP A 63 2.83 -2.47 1.23
CA TRP A 63 2.39 -3.21 0.05
C TRP A 63 0.87 -3.34 0.06
N THR A 64 0.33 -3.69 -1.10
CA THR A 64 -1.08 -3.87 -1.32
C THR A 64 -1.36 -5.24 -1.91
N VAL A 65 -2.45 -5.86 -1.48
CA VAL A 65 -3.08 -6.98 -2.15
C VAL A 65 -4.52 -6.60 -2.45
N ALA A 66 -4.94 -6.69 -3.72
CA ALA A 66 -6.36 -6.71 -4.07
C ALA A 66 -6.80 -8.16 -4.07
N TRP A 67 -7.88 -8.47 -3.39
CA TRP A 67 -8.29 -9.86 -3.13
C TRP A 67 -9.07 -10.43 -4.30
N LYS A 68 -8.48 -10.33 -5.48
CA LYS A 68 -8.96 -10.96 -6.71
C LYS A 68 -7.81 -11.76 -7.30
N ASN A 69 -8.05 -13.04 -7.57
CA ASN A 69 -7.13 -13.83 -8.37
C ASN A 69 -7.97 -14.60 -9.39
N ASN A 70 -7.42 -15.62 -10.02
CA ASN A 70 -8.20 -16.34 -11.01
C ASN A 70 -9.24 -17.28 -10.44
N TYR A 71 -9.33 -17.37 -9.11
CA TYR A 71 -10.23 -18.28 -8.42
C TYR A 71 -11.33 -17.57 -7.65
N ARG A 72 -11.06 -16.42 -7.07
CA ARG A 72 -12.00 -15.76 -6.17
C ARG A 72 -11.85 -14.27 -6.28
N ASN A 73 -12.90 -13.57 -5.91
CA ASN A 73 -12.85 -12.12 -5.82
C ASN A 73 -13.69 -11.65 -4.64
N ALA A 74 -13.03 -11.08 -3.64
CA ALA A 74 -13.70 -10.58 -2.45
C ALA A 74 -14.07 -9.11 -2.56
N HIS A 75 -13.79 -8.46 -3.69
CA HIS A 75 -14.11 -7.05 -3.88
C HIS A 75 -13.57 -6.20 -2.73
N SER A 76 -12.27 -6.34 -2.49
CA SER A 76 -11.63 -5.69 -1.38
C SER A 76 -10.13 -5.65 -1.58
N ALA A 77 -9.43 -4.85 -0.80
CA ALA A 77 -7.99 -4.72 -0.91
C ALA A 77 -7.42 -4.38 0.45
N THR A 78 -6.29 -4.97 0.79
CA THR A 78 -5.58 -4.64 2.03
C THR A 78 -4.29 -3.95 1.68
N THR A 79 -3.97 -2.92 2.46
CA THR A 79 -2.64 -2.35 2.47
C THR A 79 -1.99 -2.56 3.85
N TRP A 80 -0.73 -2.95 3.83
CA TRP A 80 0.10 -3.06 5.03
C TRP A 80 1.15 -1.96 4.98
N SER A 81 1.28 -1.23 6.08
CA SER A 81 2.25 -0.16 6.25
C SER A 81 3.09 -0.51 7.46
N GLY A 82 4.40 -0.50 7.35
CA GLY A 82 5.20 -0.91 8.49
C GLY A 82 6.67 -0.72 8.30
N GLN A 83 7.42 -1.48 9.08
CA GLN A 83 8.86 -1.42 9.00
C GLN A 83 9.49 -2.80 9.18
N TYR A 84 10.58 -2.97 8.45
CA TYR A 84 11.43 -4.14 8.50
C TYR A 84 12.57 -3.88 9.47
N VAL A 85 12.80 -4.85 10.32
CA VAL A 85 13.91 -4.82 11.25
C VAL A 85 14.77 -6.06 10.97
N GLY A 86 16.01 -5.82 10.57
CA GLY A 86 16.88 -6.90 10.16
C GLY A 86 17.62 -7.52 11.33
N GLY A 87 18.65 -8.30 11.01
CA GLY A 87 19.40 -9.03 12.01
C GLY A 87 19.09 -10.52 11.97
N ALA A 88 19.52 -11.24 12.99
CA ALA A 88 19.40 -12.70 13.01
C ALA A 88 17.95 -13.14 13.10
N GLU A 89 17.12 -12.30 13.73
CA GLU A 89 15.70 -12.56 13.92
C GLU A 89 14.86 -11.50 13.23
N ALA A 90 14.90 -11.50 11.90
CA ALA A 90 14.26 -10.43 11.13
C ALA A 90 12.74 -10.45 11.26
N ARG A 91 12.16 -9.25 11.32
CA ARG A 91 10.71 -9.10 11.45
C ARG A 91 10.23 -7.95 10.61
N ILE A 92 8.98 -8.04 10.19
CA ILE A 92 8.28 -6.92 9.61
C ILE A 92 7.05 -6.65 10.48
N ASN A 93 6.99 -5.45 11.06
CA ASN A 93 5.89 -5.07 11.94
C ASN A 93 4.98 -4.12 11.18
N THR A 94 3.70 -4.46 11.06
CA THR A 94 2.79 -3.71 10.23
C THR A 94 1.49 -3.39 10.92
N GLN A 95 0.86 -2.35 10.42
CA GLN A 95 -0.56 -2.09 10.59
C GLN A 95 -1.19 -2.13 9.22
N TRP A 96 -2.45 -2.49 9.15
CA TRP A 96 -3.09 -2.69 7.86
C TRP A 96 -4.50 -2.09 7.84
N LEU A 97 -4.94 -1.78 6.62
CA LEU A 97 -6.30 -1.31 6.33
C LEU A 97 -6.88 -2.18 5.22
N LEU A 98 -8.04 -2.77 5.48
CA LEU A 98 -8.74 -3.62 4.54
C LEU A 98 -10.03 -2.95 4.13
N THR A 99 -10.06 -2.43 2.91
CA THR A 99 -11.24 -1.73 2.38
C THR A 99 -11.99 -2.62 1.42
N SER A 100 -13.29 -2.72 1.64
CA SER A 100 -14.21 -3.35 0.72
C SER A 100 -14.92 -2.34 -0.17
N GLY A 101 -15.19 -2.71 -1.42
CA GLY A 101 -16.06 -1.89 -2.24
C GLY A 101 -17.46 -1.89 -1.65
N THR A 102 -18.07 -0.73 -1.48
CA THR A 102 -19.38 -0.61 -0.89
C THR A 102 -20.24 0.38 -1.67
N THR A 103 -21.53 0.38 -1.38
CA THR A 103 -22.38 1.48 -1.76
C THR A 103 -22.07 2.69 -0.90
N GLU A 104 -22.59 3.83 -1.29
CA GLU A 104 -22.42 5.03 -0.49
C GLU A 104 -22.97 4.84 0.90
N ALA A 105 -24.15 4.22 1.02
CA ALA A 105 -24.80 4.07 2.32
C ALA A 105 -23.99 3.20 3.27
N ASN A 106 -23.16 2.31 2.72
CA ASN A 106 -22.33 1.44 3.55
C ASN A 106 -20.87 1.89 3.65
N ALA A 107 -20.53 3.02 3.07
CA ALA A 107 -19.13 3.44 3.01
C ALA A 107 -18.56 3.63 4.41
N TRP A 108 -19.39 4.05 5.38
CA TRP A 108 -18.90 4.27 6.71
C TRP A 108 -18.28 3.05 7.33
N LYS A 109 -18.70 1.85 6.88
CA LYS A 109 -18.15 0.60 7.41
C LYS A 109 -17.38 -0.20 6.35
N SER A 110 -16.72 0.50 5.45
CA SER A 110 -15.95 -0.14 4.41
C SER A 110 -14.57 -0.67 4.86
N THR A 111 -14.04 -0.19 5.99
CA THR A 111 -12.61 -0.37 6.25
C THR A 111 -12.34 -0.96 7.62
N LEU A 112 -11.69 -2.11 7.61
CA LEU A 112 -11.17 -2.75 8.82
C LEU A 112 -9.73 -2.35 9.04
N VAL A 113 -9.30 -2.29 10.30
CA VAL A 113 -7.92 -2.00 10.67
C VAL A 113 -7.40 -3.07 11.62
N GLY A 114 -6.13 -3.39 11.48
CA GLY A 114 -5.49 -4.33 12.37
C GLY A 114 -3.99 -4.26 12.26
N HIS A 115 -3.33 -5.26 12.82
CA HIS A 115 -1.87 -5.30 12.86
C HIS A 115 -1.41 -6.73 12.68
N ASP A 116 -0.32 -6.92 11.90
CA ASP A 116 0.28 -8.23 11.60
C ASP A 116 1.80 -8.09 11.86
N THR A 117 2.40 -9.11 12.47
N THR A 117 2.39 -9.12 12.42
CA THR A 117 3.85 -9.22 12.58
CA THR A 117 3.83 -9.23 12.55
C THR A 117 4.34 -10.43 11.81
C THR A 117 4.27 -10.41 11.73
N PHE A 118 5.28 -10.20 10.90
CA PHE A 118 5.82 -11.24 10.06
C PHE A 118 7.20 -11.64 10.51
N THR A 119 7.45 -12.94 10.44
N THR A 119 7.46 -12.94 10.49
CA THR A 119 8.72 -13.57 10.78
CA THR A 119 8.77 -13.48 10.82
C THR A 119 9.30 -14.18 9.54
C THR A 119 9.34 -14.24 9.62
N LYS A 120 10.59 -13.96 9.29
CA LYS A 120 11.23 -14.51 8.10
C LYS A 120 11.59 -15.96 8.32
N VAL A 121 11.34 -16.77 7.29
CA VAL A 121 11.66 -18.19 7.34
C VAL A 121 12.64 -18.55 6.27
N GLY B 4 -12.80 6.25 -15.58
N GLY B 4 -11.39 4.73 -16.20
CA GLY B 4 -12.00 5.18 -14.99
CA GLY B 4 -11.98 5.26 -14.98
C GLY B 4 -10.98 5.67 -13.98
C GLY B 4 -10.93 5.70 -13.99
N ILE B 5 -10.26 4.73 -13.39
CA ILE B 5 -9.22 5.05 -12.42
C ILE B 5 -8.03 5.74 -13.09
N THR B 6 -7.66 5.29 -14.28
CA THR B 6 -6.51 5.85 -14.96
C THR B 6 -6.70 7.35 -15.15
N GLY B 7 -5.69 8.14 -14.79
CA GLY B 7 -5.73 9.56 -14.98
C GLY B 7 -4.99 10.30 -13.92
N THR B 8 -5.27 11.60 -13.84
CA THR B 8 -4.62 12.49 -12.90
C THR B 8 -5.63 12.95 -11.86
N TRP B 9 -5.28 12.71 -10.60
CA TRP B 9 -6.13 12.97 -9.45
C TRP B 9 -5.46 13.96 -8.51
N TYR B 10 -6.26 14.64 -7.71
CA TYR B 10 -5.79 15.64 -6.76
C TYR B 10 -6.53 15.45 -5.45
N ASN B 11 -5.83 15.58 -4.32
CA ASN B 11 -6.51 15.47 -3.03
C ASN B 11 -6.66 16.84 -2.38
N GLN B 12 -7.18 16.83 -1.17
CA GLN B 12 -7.50 18.06 -0.45
C GLN B 12 -6.25 18.82 0.06
N LEU B 13 -5.10 18.18 0.03
CA LEU B 13 -3.80 18.79 0.35
C LEU B 13 -3.09 19.30 -0.93
N GLY B 14 -3.75 19.19 -2.09
CA GLY B 14 -3.18 19.62 -3.37
C GLY B 14 -2.12 18.65 -3.92
N SER B 15 -1.99 17.48 -3.34
CA SER B 15 -1.11 16.47 -3.89
C SER B 15 -1.72 15.96 -5.20
N THR B 16 -0.84 15.55 -6.12
CA THR B 16 -1.24 15.04 -7.42
C THR B 16 -0.85 13.57 -7.55
N PHE B 17 -1.81 12.77 -7.95
CA PHE B 17 -1.74 11.30 -8.02
C PHE B 17 -2.00 10.92 -9.49
N ILE B 18 -0.93 10.56 -10.23
CA ILE B 18 -1.02 10.23 -11.66
C ILE B 18 -0.89 8.73 -11.76
N VAL B 19 -1.91 8.04 -12.26
CA VAL B 19 -1.96 6.60 -12.14
C VAL B 19 -2.48 5.97 -13.43
N THR B 20 -1.90 4.79 -13.73
CA THR B 20 -2.37 3.91 -14.78
C THR B 20 -2.91 2.65 -14.10
N ALA B 21 -4.14 2.28 -14.46
CA ALA B 21 -4.76 1.06 -13.98
C ALA B 21 -4.67 0.01 -15.09
N GLY B 22 -3.90 -1.03 -14.84
CA GLY B 22 -3.73 -2.13 -15.79
C GLY B 22 -4.94 -3.03 -15.81
N ALA B 23 -5.14 -3.72 -16.92
CA ALA B 23 -6.32 -4.55 -17.11
C ALA B 23 -6.52 -5.61 -16.04
N ASP B 24 -5.43 -6.12 -15.50
CA ASP B 24 -5.49 -7.26 -14.57
C ASP B 24 -5.25 -6.86 -13.12
N GLY B 25 -5.33 -5.57 -12.81
CA GLY B 25 -5.35 -5.13 -11.43
C GLY B 25 -4.19 -4.30 -10.95
N ALA B 26 -3.22 -4.02 -11.81
CA ALA B 26 -2.08 -3.20 -11.38
C ALA B 26 -2.41 -1.73 -11.31
N LEU B 27 -1.86 -1.06 -10.31
CA LEU B 27 -1.80 0.42 -10.28
C LEU B 27 -0.34 0.82 -10.31
N THR B 28 0.01 1.75 -11.19
CA THR B 28 1.38 2.22 -11.32
C THR B 28 1.35 3.70 -11.59
N GLY B 29 2.23 4.47 -10.99
CA GLY B 29 2.30 5.87 -11.35
C GLY B 29 3.20 6.67 -10.46
N THR B 30 2.87 7.93 -10.32
CA THR B 30 3.67 8.87 -9.56
C THR B 30 2.77 9.71 -8.64
N TYR B 31 3.33 10.09 -7.51
CA TYR B 31 2.61 10.84 -6.48
C TYR B 31 3.47 12.05 -6.16
N GLU B 32 2.87 13.23 -6.14
N GLU B 32 2.86 13.22 -6.17
CA GLU B 32 3.60 14.47 -5.98
CA GLU B 32 3.59 14.46 -5.98
C GLU B 32 2.97 15.36 -4.95
C GLU B 32 2.92 15.33 -4.94
N SER B 33 3.79 16.09 -4.23
N SER B 33 3.74 16.08 -4.22
CA SER B 33 3.27 17.15 -3.34
CA SER B 33 3.23 17.11 -3.33
C SER B 33 2.78 18.31 -4.18
C SER B 33 2.78 18.31 -4.15
N ALA B 34 2.11 19.24 -3.50
CA ALA B 34 1.60 20.45 -4.14
C ALA B 34 2.70 21.34 -4.73
N VAL B 35 3.96 21.16 -4.32
CA VAL B 35 5.05 21.93 -4.92
C VAL B 35 5.14 21.67 -6.42
N GLY B 36 5.01 20.40 -6.82
CA GLY B 36 4.88 20.05 -8.22
C GLY B 36 6.15 19.92 -9.06
N ASN B 37 7.32 20.05 -8.44
CA ASN B 37 8.59 19.96 -9.17
C ASN B 37 9.15 18.54 -9.10
N ALA B 38 10.31 18.29 -9.69
CA ALA B 38 10.88 16.95 -9.67
C ALA B 38 11.09 16.43 -8.21
N GLU B 39 11.54 17.31 -7.33
CA GLU B 39 11.81 16.93 -5.95
C GLU B 39 10.52 16.50 -5.23
N SER B 40 9.36 16.92 -5.73
CA SER B 40 8.11 16.59 -5.09
C SER B 40 7.53 15.25 -5.51
N ARG B 41 8.19 14.55 -6.45
N ARG B 41 8.14 14.57 -6.48
CA ARG B 41 7.62 13.41 -7.20
CA ARG B 41 7.55 13.38 -7.11
C ARG B 41 8.20 12.04 -6.78
C ARG B 41 8.18 12.08 -6.68
N TYR B 42 7.32 11.08 -6.47
CA TYR B 42 7.72 9.77 -5.96
C TYR B 42 6.98 8.67 -6.73
N VAL B 43 7.62 7.51 -6.82
CA VAL B 43 7.01 6.35 -7.44
C VAL B 43 5.92 5.76 -6.55
N LEU B 44 4.84 5.29 -7.19
CA LEU B 44 3.85 4.50 -6.48
C LEU B 44 3.53 3.22 -7.22
N THR B 45 3.11 2.23 -6.45
N THR B 45 3.16 2.18 -6.47
CA THR B 45 2.57 1.02 -7.00
CA THR B 45 2.54 1.01 -7.07
C THR B 45 1.42 0.55 -6.12
C THR B 45 1.46 0.50 -6.13
N GLY B 46 0.47 -0.18 -6.69
CA GLY B 46 -0.63 -0.72 -5.94
C GLY B 46 -1.44 -1.70 -6.76
N ARG B 47 -2.64 -1.97 -6.26
CA ARG B 47 -3.54 -2.94 -6.85
C ARG B 47 -4.97 -2.44 -6.72
N TYR B 48 -5.83 -2.91 -7.64
CA TYR B 48 -7.24 -2.59 -7.55
C TYR B 48 -8.04 -3.80 -8.01
N ASP B 49 -9.30 -3.86 -7.63
CA ASP B 49 -10.22 -4.90 -8.09
C ASP B 49 -10.62 -4.64 -9.55
N SER B 50 -10.09 -5.46 -10.44
CA SER B 50 -10.27 -5.30 -11.87
C SER B 50 -11.55 -5.96 -12.38
N ALA B 51 -12.39 -6.43 -11.47
CA ALA B 51 -13.72 -6.91 -11.84
C ALA B 51 -14.69 -6.61 -10.70
N PRO B 52 -14.99 -5.33 -10.50
CA PRO B 52 -15.83 -4.95 -9.37
C PRO B 52 -17.24 -5.49 -9.47
N ALA B 53 -17.93 -5.48 -8.35
CA ALA B 53 -19.30 -5.92 -8.33
C ALA B 53 -20.13 -5.01 -9.24
N THR B 54 -21.29 -5.49 -9.66
CA THR B 54 -22.13 -4.73 -10.57
C THR B 54 -23.40 -4.27 -9.87
N ASP B 55 -23.31 -4.07 -8.56
CA ASP B 55 -24.45 -3.70 -7.74
C ASP B 55 -24.42 -2.24 -7.27
N GLY B 56 -23.56 -1.42 -7.87
CA GLY B 56 -23.47 -0.02 -7.50
C GLY B 56 -22.38 0.27 -6.49
N SER B 57 -21.66 -0.76 -6.09
CA SER B 57 -20.56 -0.64 -5.14
C SER B 57 -19.32 0.00 -5.77
N GLY B 58 -18.50 0.62 -4.94
CA GLY B 58 -17.22 1.14 -5.37
C GLY B 58 -16.23 0.04 -5.69
N THR B 59 -15.08 0.45 -6.21
CA THR B 59 -14.00 -0.44 -6.61
C THR B 59 -12.86 -0.33 -5.61
N ALA B 60 -12.59 -1.42 -4.88
CA ALA B 60 -11.54 -1.41 -3.87
C ALA B 60 -10.16 -1.28 -4.50
N LEU B 61 -9.28 -0.57 -3.81
CA LEU B 61 -7.92 -0.36 -4.29
C LEU B 61 -7.00 0.03 -3.14
N GLY B 62 -5.71 -0.01 -3.42
CA GLY B 62 -4.71 0.50 -2.51
C GLY B 62 -3.43 0.78 -3.23
N TRP B 63 -2.58 1.63 -2.65
CA TRP B 63 -1.25 1.82 -3.20
C TRP B 63 -0.29 2.31 -2.13
N THR B 64 0.99 2.25 -2.47
CA THR B 64 2.08 2.62 -1.58
C THR B 64 3.01 3.60 -2.26
N VAL B 65 3.48 4.56 -1.48
CA VAL B 65 4.63 5.41 -1.80
C VAL B 65 5.65 5.25 -0.69
N ALA B 66 6.89 4.93 -1.06
CA ALA B 66 8.03 5.11 -0.16
C ALA B 66 8.64 6.46 -0.43
N TRP B 67 8.87 7.26 0.62
CA TRP B 67 9.18 8.67 0.48
C TRP B 67 10.68 8.93 0.24
N LYS B 68 11.19 8.21 -0.74
N LYS B 68 11.20 8.21 -0.75
CA LYS B 68 12.56 8.36 -1.25
CA LYS B 68 12.57 8.37 -1.25
C LYS B 68 12.51 8.60 -2.75
C LYS B 68 12.50 8.61 -2.74
N ASN B 69 13.21 9.64 -3.20
CA ASN B 69 13.42 9.86 -4.63
C ASN B 69 14.87 10.29 -4.77
N ASN B 70 15.26 10.83 -5.92
CA ASN B 70 16.66 11.15 -6.12
C ASN B 70 17.08 12.40 -5.38
N TYR B 71 16.13 13.10 -4.77
CA TYR B 71 16.37 14.37 -4.11
C TYR B 71 16.30 14.32 -2.59
N ARG B 72 15.49 13.42 -2.05
CA ARG B 72 15.10 13.49 -0.64
C ARG B 72 14.77 12.08 -0.19
N ASN B 73 14.97 11.80 1.10
CA ASN B 73 14.53 10.55 1.67
C ASN B 73 14.06 10.78 3.09
N ALA B 74 12.77 10.61 3.32
CA ALA B 74 12.17 10.80 4.63
C ALA B 74 12.12 9.51 5.46
N HIS B 75 12.64 8.41 4.92
CA HIS B 75 12.70 7.13 5.63
C HIS B 75 11.32 6.77 6.18
N SER B 76 10.36 6.68 5.27
N SER B 76 10.34 6.79 5.27
CA SER B 76 8.97 6.50 5.63
CA SER B 76 8.94 6.58 5.59
C SER B 76 8.19 6.07 4.39
C SER B 76 8.23 5.99 4.38
N ALA B 77 7.01 5.51 4.60
CA ALA B 77 6.16 5.02 3.51
C ALA B 77 4.72 5.22 3.91
N THR B 78 3.89 5.61 2.94
CA THR B 78 2.44 5.70 3.15
C THR B 78 1.74 4.66 2.29
N THR B 79 0.74 4.03 2.87
CA THR B 79 -0.20 3.24 2.09
C THR B 79 -1.59 3.87 2.16
N TRP B 80 -2.27 3.96 1.03
CA TRP B 80 -3.65 4.39 0.94
C TRP B 80 -4.50 3.19 0.60
N SER B 81 -5.58 3.01 1.36
CA SER B 81 -6.55 1.94 1.16
C SER B 81 -7.91 2.59 0.98
N GLY B 82 -8.65 2.22 -0.07
CA GLY B 82 -9.90 2.91 -0.31
C GLY B 82 -10.69 2.36 -1.45
N GLN B 83 -11.56 3.19 -2.00
CA GLN B 83 -12.38 2.79 -3.11
C GLN B 83 -12.60 3.91 -4.08
N TYR B 84 -12.66 3.53 -5.34
CA TYR B 84 -13.00 4.40 -6.45
C TYR B 84 -14.50 4.34 -6.70
N VAL B 85 -15.09 5.50 -6.90
CA VAL B 85 -16.50 5.65 -7.23
C VAL B 85 -16.57 6.45 -8.53
N GLY B 86 -17.11 5.85 -9.57
CA GLY B 86 -17.17 6.48 -10.88
C GLY B 86 -18.35 7.41 -11.02
N GLY B 87 -18.66 7.80 -12.25
CA GLY B 87 -19.77 8.71 -12.50
C GLY B 87 -19.26 10.11 -12.80
N ALA B 88 -20.17 11.07 -12.77
CA ALA B 88 -19.89 12.41 -13.28
C ALA B 88 -18.76 13.12 -12.55
N GLU B 89 -18.70 12.94 -11.24
CA GLU B 89 -17.62 13.49 -10.43
C GLU B 89 -16.98 12.31 -9.73
N ALA B 90 -16.16 11.61 -10.48
CA ALA B 90 -15.48 10.44 -9.94
C ALA B 90 -14.63 10.83 -8.72
N ARG B 91 -14.50 9.89 -7.80
N ARG B 91 -14.48 9.89 -7.79
CA ARG B 91 -13.78 10.13 -6.56
CA ARG B 91 -13.77 10.13 -6.55
C ARG B 91 -13.02 8.87 -6.17
C ARG B 91 -13.07 8.88 -6.10
N ILE B 92 -11.93 9.06 -5.46
CA ILE B 92 -11.27 8.00 -4.74
C ILE B 92 -11.24 8.41 -3.27
N ASN B 93 -11.94 7.65 -2.45
CA ASN B 93 -12.00 7.90 -1.01
C ASN B 93 -11.08 6.94 -0.30
N THR B 94 -10.14 7.47 0.48
CA THR B 94 -9.10 6.65 1.09
C THR B 94 -8.92 6.96 2.57
N GLN B 95 -8.34 5.98 3.24
CA GLN B 95 -7.68 6.15 4.52
C GLN B 95 -6.24 5.71 4.33
N TRP B 96 -5.33 6.28 5.10
CA TRP B 96 -3.93 6.00 4.89
C TRP B 96 -3.18 5.79 6.20
N LEU B 97 -2.07 5.07 6.10
CA LEU B 97 -1.13 4.81 7.19
C LEU B 97 0.25 5.21 6.72
N LEU B 98 0.89 6.11 7.46
N LEU B 98 0.86 6.15 7.43
CA LEU B 98 2.22 6.62 7.15
CA LEU B 98 2.22 6.58 7.15
C LEU B 98 3.17 6.16 8.24
C LEU B 98 3.10 6.06 8.27
N THR B 99 4.01 5.16 7.93
CA THR B 99 4.96 4.59 8.88
C THR B 99 6.34 5.12 8.61
N SER B 100 6.99 5.62 9.65
CA SER B 100 8.38 6.03 9.59
C SER B 100 9.25 4.93 10.18
N GLY B 101 10.45 4.75 9.62
CA GLY B 101 11.43 3.90 10.27
C GLY B 101 11.82 4.49 11.62
N THR B 102 11.79 3.67 12.67
CA THR B 102 12.10 4.12 14.02
C THR B 102 12.96 3.11 14.73
N THR B 103 13.53 3.53 15.85
CA THR B 103 14.09 2.56 16.78
C THR B 103 12.94 1.75 17.38
N GLU B 104 13.27 0.65 18.03
CA GLU B 104 12.25 -0.13 18.71
C GLU B 104 11.57 0.71 19.79
N ALA B 105 12.34 1.53 20.50
CA ALA B 105 11.81 2.37 21.57
C ALA B 105 10.78 3.39 21.06
N ASN B 106 10.92 3.79 19.81
CA ASN B 106 10.04 4.81 19.24
C ASN B 106 8.95 4.21 18.38
N ALA B 107 8.87 2.90 18.32
CA ALA B 107 7.93 2.26 17.40
C ALA B 107 6.49 2.65 17.72
N TRP B 108 6.20 2.96 18.99
CA TRP B 108 4.85 3.31 19.38
C TRP B 108 4.37 4.56 18.67
N LYS B 109 5.29 5.43 18.23
CA LYS B 109 4.93 6.66 17.56
C LYS B 109 5.38 6.65 16.09
N SER B 110 5.44 5.46 15.51
CA SER B 110 5.89 5.29 14.14
C SER B 110 4.84 5.57 13.07
N THR B 111 3.55 5.51 13.40
CA THR B 111 2.51 5.42 12.38
C THR B 111 1.43 6.46 12.54
N LEU B 112 1.32 7.34 11.55
CA LEU B 112 0.24 8.30 11.45
C LEU B 112 -0.90 7.70 10.64
N VAL B 113 -2.12 8.11 10.95
CA VAL B 113 -3.31 7.70 10.21
C VAL B 113 -4.09 8.93 9.79
N GLY B 114 -4.66 8.88 8.60
CA GLY B 114 -5.48 9.97 8.11
C GLY B 114 -6.36 9.53 6.96
N HIS B 115 -6.97 10.50 6.31
CA HIS B 115 -7.87 10.23 5.18
C HIS B 115 -7.72 11.28 4.13
N ASP B 116 -7.71 10.84 2.88
CA ASP B 116 -7.61 11.69 1.69
C ASP B 116 -8.74 11.38 0.75
N THR B 117 -9.33 12.41 0.16
N THR B 117 -9.27 12.43 0.15
CA THR B 117 -10.28 12.22 -0.92
CA THR B 117 -10.27 12.31 -0.90
C THR B 117 -9.74 12.88 -2.19
C THR B 117 -9.66 12.86 -2.18
N PHE B 118 -9.74 12.10 -3.27
CA PHE B 118 -9.21 12.51 -4.55
C PHE B 118 -10.31 12.74 -5.56
N THR B 119 -10.17 13.78 -6.38
CA THR B 119 -11.02 13.97 -7.55
C THR B 119 -10.11 14.32 -8.72
N LYS B 120 -10.68 14.38 -9.92
CA LYS B 120 -9.90 14.74 -11.11
C LYS B 120 -9.89 16.27 -11.37
N VAL B 121 -10.45 17.05 -10.44
CA VAL B 121 -10.48 18.51 -10.56
C VAL B 121 -9.16 19.10 -10.11
N LYS B 122 -8.50 19.81 -11.01
CA LYS B 122 -7.22 20.43 -10.72
C LYS B 122 -7.52 21.67 -9.89
N PRO B 123 -6.87 21.82 -8.74
CA PRO B 123 -7.10 23.04 -7.95
C PRO B 123 -6.72 24.31 -8.72
O5 LH3 C . -0.99 13.75 -0.05
C31 LH3 C . -0.75 13.47 1.12
N3 LH3 C . -1.50 12.66 1.91
C LH3 C . -0.94 12.53 3.25
N2 LH3 C . 0.32 13.91 1.82
C30 LH3 C . 0.33 13.42 3.19
C2 LH3 C . 1.54 12.53 3.52
S LH3 C . 1.11 10.90 2.84
C1 LH3 C . -0.48 11.06 3.62
C3 LH3 C . 2.86 13.06 2.98
C4 LH3 C . 4.07 12.44 3.61
C5 LH3 C . 5.35 13.00 3.05
C6 LH3 C . 6.58 12.51 3.80
C7 LH3 C . 7.84 13.10 3.23
O LH3 C . 8.35 12.67 2.21
N LH3 C . 8.36 14.16 3.85
N1 LH3 C . 9.48 14.82 3.34
C8 LH3 C . 9.58 16.23 3.42
C13 LH3 C . 10.75 16.74 4.01
C14 LH3 C . 11.81 15.84 4.56
C19 LH3 C . 13.12 15.90 4.10
C18 LH3 C . 14.10 15.06 4.60
C17 LH3 C . 13.79 14.14 5.60
C20 LH3 C . 14.81 13.20 6.14
O2 LH3 C . 16.01 13.40 5.61
C21 LH3 C . 17.03 12.42 5.94
O1 LH3 C . 14.57 12.33 6.93
C16 LH3 C . 12.48 14.07 6.06
C15 LH3 C . 11.51 14.91 5.56
C12 LH3 C . 10.91 18.12 4.09
C11 LH3 C . 9.92 18.97 3.62
C10 LH3 C . 8.78 18.47 3.05
C9 LH3 C . 8.57 17.10 2.93
C22 LH3 C . 7.34 16.59 2.26
C27 LH3 C . 7.41 15.74 1.16
C26 LH3 C . 6.28 15.35 0.49
C25 LH3 C . 5.01 15.79 0.89
C24 LH3 C . 4.93 16.60 2.02
C23 LH3 C . 6.07 17.01 2.68
C28 LH3 C . 3.77 15.35 0.22
O3 LH3 C . 2.66 15.49 0.66
O4 LH3 C . 4.01 14.68 -0.90
C29 LH3 C . 2.85 14.08 -1.52
#